data_4RLY
#
_entry.id   4RLY
#
_cell.length_a   102.295
_cell.length_b   102.295
_cell.length_c   106.008
_cell.angle_alpha   90.000
_cell.angle_beta   90.000
_cell.angle_gamma   90.000
#
_symmetry.space_group_name_H-M   'P 42 2 2'
#
loop_
_entity.id
_entity.type
_entity.pdbx_description
1 polymer 'Nav1.2 - AnkB chimera'
2 non-polymer 'SULFATE ION'
3 water water
#
_entity_poly.entity_id   1
_entity_poly.type   'polypeptide(L)'
_entity_poly.pdbx_seq_one_letter_code
;GSTVTVPIAVGESDFENLNTEGSLVPRGSKSDSNASFLRAARAGNLDKVVEYLKGGIDINTCNQNGLNALHLAAKEGHVG
LVQELLGRGSSVDSATKKGNTALHIASLAGQAEVVKVLVKEGANINAQSQNGFTPLYMAAQENHIDVVKYLLENGANQST
ATEDGFTPLAVALQQGHNQAVAILLENDTKGKVRLPALHIAARKDDTKSAALLLQNDHNADVQSKMMVNRTTESGFTPLH
IAAHYGNVNVATLLLNRGAAVDFTARNGITPLHVASKRGNTNMVKLLLDRGGQIDAKTRDGLTPLHCAARSGHDQVVELL
KVVTEEVTT
;
_entity_poly.pdbx_strand_id   A
#
# COMPACT_ATOMS: atom_id res chain seq x y z
N SER A 2 5.49 -7.14 21.01
CA SER A 2 6.07 -8.16 20.14
C SER A 2 5.06 -8.46 19.05
N THR A 3 4.38 -7.40 18.63
CA THR A 3 3.29 -7.51 17.68
C THR A 3 3.55 -6.60 16.46
N VAL A 4 3.14 -7.01 15.26
CA VAL A 4 3.10 -6.10 14.10
C VAL A 4 1.62 -5.85 13.73
N THR A 5 1.16 -4.60 13.75
CA THR A 5 -0.28 -4.32 13.68
C THR A 5 -0.67 -3.09 12.86
N VAL A 6 -1.27 -3.36 11.73
CA VAL A 6 -1.61 -2.29 10.82
C VAL A 6 -2.83 -1.61 11.34
N PRO A 7 -2.84 -0.29 11.23
CA PRO A 7 -3.92 0.59 11.66
C PRO A 7 -5.12 0.48 10.70
N ILE A 8 -6.32 0.70 11.24
CA ILE A 8 -7.57 0.42 10.55
C ILE A 8 -8.29 1.76 10.32
N ALA A 9 -8.67 2.03 9.08
CA ALA A 9 -9.45 3.22 8.80
C ALA A 9 -10.86 2.97 9.31
N VAL A 10 -11.34 3.91 10.09
CA VAL A 10 -12.61 3.70 10.76
C VAL A 10 -13.82 4.37 10.07
N GLY A 11 -13.63 5.37 9.24
CA GLY A 11 -14.77 5.87 8.50
C GLY A 11 -15.33 7.09 9.18
N GLU A 12 -16.43 7.60 8.65
CA GLU A 12 -17.13 8.77 9.19
C GLU A 12 -18.35 8.35 9.96
N SER A 13 -18.87 9.25 10.77
CA SER A 13 -20.03 8.93 11.57
C SER A 13 -21.33 8.99 10.72
N ASP A 14 -22.45 8.50 11.26
CA ASP A 14 -23.72 8.49 10.55
C ASP A 14 -24.88 9.11 11.37
N PHE A 15 -24.61 10.27 11.95
CA PHE A 15 -25.61 10.90 12.82
C PHE A 15 -26.88 11.27 12.01
N GLU A 16 -26.68 11.64 10.74
CA GLU A 16 -27.80 11.99 9.84
C GLU A 16 -28.81 10.87 9.65
N ASN A 17 -28.39 9.63 9.94
CA ASN A 17 -29.31 8.52 9.88
C ASN A 17 -30.31 8.49 11.01
N LEU A 18 -30.03 9.22 12.08
CA LEU A 18 -30.89 9.28 13.25
C LEU A 18 -32.19 10.02 12.95
N ASN A 19 -33.32 9.40 13.28
CA ASN A 19 -34.61 10.02 13.00
C ASN A 19 -34.90 11.00 14.14
N THR A 20 -35.41 12.18 13.80
CA THR A 20 -35.60 13.22 14.81
C THR A 20 -36.88 12.99 15.63
N GLU A 21 -36.73 12.50 16.87
CA GLU A 21 -37.88 12.01 17.63
C GLU A 21 -37.61 11.88 19.14
N SER A 31 -30.35 26.80 9.29
CA SER A 31 -30.02 26.28 10.63
C SER A 31 -30.42 24.82 10.80
N ASP A 32 -31.69 24.61 11.16
CA ASP A 32 -32.28 23.29 11.14
C ASP A 32 -32.58 22.97 9.69
N SER A 33 -32.50 24.01 8.86
CA SER A 33 -32.54 23.88 7.39
C SER A 33 -31.35 23.07 6.90
N ASN A 34 -30.19 23.42 7.46
CA ASN A 34 -28.93 22.76 7.17
C ASN A 34 -28.97 21.26 7.48
N ALA A 35 -29.26 20.92 8.74
CA ALA A 35 -29.44 19.54 9.20
C ALA A 35 -30.39 18.71 8.33
N SER A 36 -31.51 19.33 7.96
CA SER A 36 -32.53 18.72 7.11
C SER A 36 -32.00 18.45 5.69
N PHE A 37 -31.29 19.44 5.19
CA PHE A 37 -30.55 19.32 3.96
C PHE A 37 -29.52 18.18 3.96
N LEU A 38 -28.74 18.10 5.03
CA LEU A 38 -27.79 17.00 5.11
C LEU A 38 -28.54 15.65 5.22
N ARG A 39 -29.65 15.60 5.97
CA ARG A 39 -30.47 14.38 6.05
C ARG A 39 -30.96 13.99 4.66
N ALA A 40 -31.45 14.97 3.90
CA ALA A 40 -31.86 14.70 2.52
C ALA A 40 -30.75 14.10 1.67
N ALA A 41 -29.55 14.68 1.75
CA ALA A 41 -28.38 14.05 1.10
C ALA A 41 -28.13 12.62 1.56
N ARG A 42 -28.26 12.37 2.85
CA ARG A 42 -28.01 11.01 3.38
C ARG A 42 -29.05 10.01 2.80
N ALA A 43 -30.24 10.50 2.50
CA ALA A 43 -31.32 9.65 2.06
C ALA A 43 -31.25 9.45 0.54
N GLY A 44 -30.47 10.29 -0.15
CA GLY A 44 -30.32 10.22 -1.60
C GLY A 44 -31.48 10.90 -2.34
N ASN A 45 -32.21 11.77 -1.63
CA ASN A 45 -33.33 12.52 -2.20
C ASN A 45 -32.89 13.72 -3.03
N LEU A 46 -32.44 13.41 -4.24
CA LEU A 46 -32.07 14.42 -5.19
C LEU A 46 -33.04 15.64 -5.26
N ASP A 47 -34.33 15.39 -5.48
CA ASP A 47 -35.30 16.47 -5.66
C ASP A 47 -35.31 17.48 -4.52
N LYS A 48 -35.12 16.95 -3.32
CA LYS A 48 -35.22 17.74 -2.12
C LYS A 48 -33.95 18.58 -1.98
N VAL A 49 -32.86 17.98 -2.41
CA VAL A 49 -31.55 18.56 -2.25
C VAL A 49 -31.42 19.71 -3.23
N VAL A 50 -31.93 19.48 -4.44
CA VAL A 50 -31.88 20.44 -5.53
C VAL A 50 -32.75 21.65 -5.17
N GLU A 51 -33.87 21.34 -4.56
CA GLU A 51 -34.79 22.35 -4.14
C GLU A 51 -34.14 23.25 -3.10
N TYR A 52 -33.34 22.68 -2.23
CA TYR A 52 -32.70 23.47 -1.18
C TYR A 52 -31.62 24.33 -1.78
N LEU A 53 -30.90 23.76 -2.73
CA LEU A 53 -29.81 24.46 -3.39
C LEU A 53 -30.36 25.65 -4.18
N LYS A 54 -31.38 25.38 -4.99
CA LYS A 54 -32.08 26.44 -5.71
C LYS A 54 -32.55 27.48 -4.73
N GLY A 55 -32.99 27.05 -3.55
CA GLY A 55 -33.46 27.97 -2.52
C GLY A 55 -32.34 28.78 -1.90
N GLY A 56 -31.09 28.45 -2.25
CA GLY A 56 -29.98 29.28 -1.84
C GLY A 56 -29.06 28.71 -0.79
N ILE A 57 -29.42 27.56 -0.19
CA ILE A 57 -28.53 26.91 0.77
C ILE A 57 -27.14 26.69 0.15
N ASP A 58 -26.09 26.90 0.94
CA ASP A 58 -24.72 26.77 0.41
C ASP A 58 -24.31 25.32 0.09
N ILE A 59 -23.83 25.09 -1.13
CA ILE A 59 -23.40 23.75 -1.53
C ILE A 59 -22.33 23.15 -0.58
N ASN A 60 -21.66 23.99 0.20
CA ASN A 60 -20.52 23.54 1.01
C ASN A 60 -20.91 23.29 2.45
N THR A 61 -22.16 23.58 2.78
CA THR A 61 -22.74 23.18 4.08
C THR A 61 -22.32 21.79 4.57
N CYS A 62 -21.78 21.76 5.78
CA CYS A 62 -21.28 20.51 6.35
C CYS A 62 -21.69 20.38 7.85
N ASN A 63 -21.50 19.18 8.39
CA ASN A 63 -21.81 18.95 9.79
C ASN A 63 -20.57 19.18 10.66
N GLN A 64 -20.70 18.95 11.97
CA GLN A 64 -19.62 19.20 12.92
C GLN A 64 -18.38 18.37 12.57
N ASN A 65 -18.55 17.33 11.79
CA ASN A 65 -17.40 16.48 11.40
C ASN A 65 -16.86 16.84 10.01
N GLY A 66 -17.46 17.84 9.39
CA GLY A 66 -17.00 18.39 8.14
C GLY A 66 -17.52 17.67 6.90
N LEU A 67 -18.52 16.81 7.07
CA LEU A 67 -19.18 16.21 5.89
C LEU A 67 -20.15 17.14 5.20
N ASN A 68 -19.92 17.38 3.91
CA ASN A 68 -20.98 17.98 3.12
C ASN A 68 -21.85 16.95 2.41
N ALA A 69 -22.76 17.45 1.59
CA ALA A 69 -23.71 16.63 0.90
C ALA A 69 -23.00 15.62 -0.04
N LEU A 70 -21.92 16.08 -0.68
CA LEU A 70 -21.15 15.24 -1.57
C LEU A 70 -20.57 14.05 -0.79
N HIS A 71 -19.97 14.34 0.37
CA HIS A 71 -19.48 13.27 1.24
C HIS A 71 -20.62 12.29 1.62
N LEU A 72 -21.83 12.81 1.88
CA LEU A 72 -22.88 11.93 2.35
C LEU A 72 -23.44 11.06 1.21
N ALA A 73 -23.62 11.67 0.05
CA ALA A 73 -24.13 10.95 -1.11
C ALA A 73 -23.16 9.83 -1.52
N ALA A 74 -21.88 10.15 -1.41
CA ALA A 74 -20.82 9.17 -1.73
C ALA A 74 -20.77 8.01 -0.74
N LYS A 75 -20.82 8.30 0.56
CA LYS A 75 -20.86 7.28 1.59
C LYS A 75 -21.94 6.27 1.23
N GLU A 76 -23.05 6.78 0.71
CA GLU A 76 -24.27 5.96 0.62
C GLU A 76 -24.54 5.44 -0.77
N GLY A 77 -23.69 5.82 -1.72
CA GLY A 77 -23.72 5.25 -3.05
C GLY A 77 -24.70 5.97 -3.93
N HIS A 78 -25.10 7.16 -3.52
CA HIS A 78 -26.01 7.94 -4.32
C HIS A 78 -25.37 8.54 -5.58
N VAL A 79 -25.21 7.69 -6.60
CA VAL A 79 -24.51 8.12 -7.82
C VAL A 79 -25.12 9.38 -8.51
N GLY A 80 -26.43 9.37 -8.67
CA GLY A 80 -27.11 10.48 -9.32
C GLY A 80 -26.83 11.77 -8.60
N LEU A 81 -26.87 11.70 -7.28
CA LEU A 81 -26.74 12.87 -6.46
C LEU A 81 -25.31 13.40 -6.47
N VAL A 82 -24.38 12.46 -6.41
CA VAL A 82 -22.97 12.81 -6.59
C VAL A 82 -22.73 13.54 -7.91
N GLN A 83 -23.40 13.11 -8.97
CA GLN A 83 -23.32 13.78 -10.29
C GLN A 83 -23.87 15.18 -10.31
N GLU A 84 -25.04 15.35 -9.73
CA GLU A 84 -25.66 16.66 -9.55
C GLU A 84 -24.82 17.63 -8.73
N LEU A 85 -24.23 17.15 -7.66
CA LEU A 85 -23.49 18.07 -6.79
C LEU A 85 -22.23 18.48 -7.53
N LEU A 86 -21.54 17.49 -8.09
CA LEU A 86 -20.39 17.75 -8.94
C LEU A 86 -20.82 18.73 -10.04
N GLY A 87 -21.91 18.41 -10.73
CA GLY A 87 -22.39 19.30 -11.78
C GLY A 87 -22.56 20.75 -11.31
N ARG A 88 -22.83 20.96 -10.03
CA ARG A 88 -23.16 22.29 -9.53
C ARG A 88 -21.97 23.03 -8.99
N GLY A 89 -20.86 22.33 -8.89
CA GLY A 89 -19.64 22.97 -8.45
C GLY A 89 -19.07 22.43 -7.15
N SER A 90 -19.79 21.50 -6.51
CA SER A 90 -19.18 20.80 -5.38
C SER A 90 -17.75 20.35 -5.71
N SER A 91 -16.81 20.80 -4.90
CA SER A 91 -15.41 20.60 -5.14
C SER A 91 -15.00 19.12 -4.89
N VAL A 92 -14.55 18.44 -5.94
CA VAL A 92 -14.42 16.98 -5.86
C VAL A 92 -13.63 16.50 -4.63
N ASP A 93 -12.64 17.27 -4.22
CA ASP A 93 -11.72 16.76 -3.22
C ASP A 93 -11.77 17.48 -1.88
N SER A 94 -12.88 18.17 -1.58
CA SER A 94 -13.06 18.65 -0.19
C SER A 94 -12.81 17.54 0.80
N ALA A 95 -12.08 17.87 1.86
CA ALA A 95 -11.78 16.92 2.88
C ALA A 95 -12.66 17.20 4.11
N THR A 96 -13.01 16.16 4.85
CA THR A 96 -13.62 16.26 6.17
C THR A 96 -12.54 16.52 7.22
N LYS A 97 -12.96 16.76 8.45
CA LYS A 97 -12.00 16.95 9.53
C LYS A 97 -10.97 15.82 9.71
N LYS A 98 -11.30 14.59 9.36
CA LYS A 98 -10.33 13.50 9.44
C LYS A 98 -9.44 13.54 8.18
N GLY A 99 -9.68 14.53 7.33
CA GLY A 99 -8.96 14.64 6.07
C GLY A 99 -9.37 13.69 4.96
N ASN A 100 -10.58 13.11 5.05
CA ASN A 100 -11.13 12.26 4.00
C ASN A 100 -11.84 13.00 2.89
N THR A 101 -11.59 12.58 1.64
CA THR A 101 -12.36 13.12 0.51
C THR A 101 -13.50 12.15 0.19
N ALA A 102 -14.37 12.58 -0.68
CA ALA A 102 -15.50 11.76 -1.01
C ALA A 102 -15.00 10.41 -1.60
N LEU A 103 -13.80 10.45 -2.18
CA LEU A 103 -13.24 9.26 -2.79
C LEU A 103 -12.81 8.27 -1.73
N HIS A 104 -12.15 8.77 -0.69
CA HIS A 104 -11.90 7.94 0.50
C HIS A 104 -13.16 7.25 1.02
N ILE A 105 -14.23 8.04 1.21
CA ILE A 105 -15.46 7.55 1.82
C ILE A 105 -16.11 6.49 0.94
N ALA A 106 -16.23 6.80 -0.35
CA ALA A 106 -16.85 5.84 -1.28
C ALA A 106 -16.06 4.53 -1.32
N SER A 107 -14.73 4.60 -1.14
CA SER A 107 -13.86 3.43 -1.27
C SER A 107 -13.99 2.57 -0.03
N LEU A 108 -13.98 3.22 1.13
CA LEU A 108 -14.18 2.50 2.39
C LEU A 108 -15.51 1.76 2.35
N ALA A 109 -16.50 2.38 1.71
CA ALA A 109 -17.85 1.85 1.65
C ALA A 109 -18.08 0.94 0.45
N GLY A 110 -17.09 0.81 -0.42
CA GLY A 110 -17.27 -0.07 -1.54
C GLY A 110 -18.30 0.42 -2.57
N GLN A 111 -18.47 1.73 -2.68
CA GLN A 111 -19.41 2.24 -3.70
C GLN A 111 -18.76 2.44 -5.07
N ALA A 112 -18.78 1.38 -5.87
CA ALA A 112 -17.91 1.33 -7.03
C ALA A 112 -18.30 2.34 -8.14
N GLU A 113 -19.59 2.47 -8.42
CA GLU A 113 -19.98 3.44 -9.44
C GLU A 113 -19.65 4.87 -9.02
N VAL A 114 -19.70 5.09 -7.70
CA VAL A 114 -19.37 6.38 -7.15
C VAL A 114 -17.87 6.64 -7.29
N VAL A 115 -17.07 5.64 -6.98
CA VAL A 115 -15.63 5.73 -7.23
C VAL A 115 -15.35 6.13 -8.70
N LYS A 116 -15.90 5.36 -9.65
CA LYS A 116 -15.77 5.74 -11.05
C LYS A 116 -16.07 7.22 -11.30
N VAL A 117 -17.13 7.73 -10.67
CA VAL A 117 -17.63 9.05 -11.06
C VAL A 117 -16.67 10.14 -10.59
N LEU A 118 -16.23 9.96 -9.35
CA LEU A 118 -15.23 10.82 -8.73
C LEU A 118 -13.87 10.77 -9.40
N VAL A 119 -13.44 9.57 -9.77
CA VAL A 119 -12.17 9.45 -10.45
C VAL A 119 -12.22 10.19 -11.79
N LYS A 120 -13.30 10.00 -12.54
CA LYS A 120 -13.45 10.67 -13.82
C LYS A 120 -13.58 12.16 -13.66
N GLU A 121 -13.91 12.60 -12.47
CA GLU A 121 -14.08 14.04 -12.27
C GLU A 121 -12.75 14.64 -11.86
N GLY A 122 -11.74 13.79 -11.86
CA GLY A 122 -10.42 14.17 -11.41
C GLY A 122 -10.15 14.17 -9.92
N ALA A 123 -10.87 13.35 -9.14
CA ALA A 123 -10.46 13.18 -7.74
C ALA A 123 -9.03 12.66 -7.69
N ASN A 124 -8.26 13.15 -6.72
CA ASN A 124 -6.90 12.65 -6.54
C ASN A 124 -6.88 11.21 -6.02
N ILE A 125 -6.56 10.28 -6.90
CA ILE A 125 -6.69 8.86 -6.63
C ILE A 125 -5.72 8.38 -5.52
N ASN A 126 -4.67 9.16 -5.28
CA ASN A 126 -3.71 8.81 -4.25
C ASN A 126 -3.76 9.70 -3.02
N ALA A 127 -4.79 10.52 -2.90
CA ALA A 127 -4.86 11.37 -1.72
C ALA A 127 -4.76 10.55 -0.43
N GLN A 128 -4.04 11.12 0.53
CA GLN A 128 -3.96 10.59 1.88
C GLN A 128 -4.79 11.40 2.90
N SER A 129 -5.48 10.69 3.77
CA SER A 129 -6.21 11.29 4.90
C SER A 129 -5.22 11.70 5.97
N GLN A 130 -5.65 12.40 7.00
CA GLN A 130 -4.59 12.76 7.90
C GLN A 130 -4.03 11.60 8.75
N ASN A 131 -4.63 10.43 8.66
CA ASN A 131 -3.96 9.25 9.22
C ASN A 131 -3.15 8.49 8.20
N GLY A 132 -2.97 9.10 7.03
CA GLY A 132 -2.12 8.56 5.98
C GLY A 132 -2.75 7.55 5.04
N PHE A 133 -4.05 7.34 5.17
CA PHE A 133 -4.76 6.34 4.39
C PHE A 133 -5.08 6.81 2.98
N THR A 134 -4.98 5.89 2.00
CA THR A 134 -5.34 6.16 0.61
C THR A 134 -6.64 5.43 0.28
N PRO A 135 -7.32 5.87 -0.77
CA PRO A 135 -8.51 5.13 -1.21
C PRO A 135 -8.25 3.66 -1.35
N LEU A 136 -7.07 3.29 -1.81
CA LEU A 136 -6.77 1.89 -2.10
C LEU A 136 -6.63 1.13 -0.81
N TYR A 137 -6.03 1.79 0.18
CA TYR A 137 -5.84 1.20 1.49
C TYR A 137 -7.23 0.85 2.08
N MET A 138 -8.16 1.78 1.89
CA MET A 138 -9.52 1.56 2.35
C MET A 138 -10.27 0.46 1.62
N ALA A 139 -10.17 0.46 0.30
CA ALA A 139 -10.89 -0.54 -0.47
C ALA A 139 -10.28 -1.90 -0.12
N ALA A 140 -8.96 -1.91 0.09
CA ALA A 140 -8.22 -3.13 0.46
C ALA A 140 -8.59 -3.65 1.86
N GLN A 141 -8.57 -2.74 2.84
CA GLN A 141 -8.94 -3.08 4.22
C GLN A 141 -10.31 -3.76 4.30
N GLU A 142 -11.23 -3.35 3.43
CA GLU A 142 -12.62 -3.72 3.54
C GLU A 142 -12.97 -4.75 2.50
N ASN A 143 -11.97 -5.18 1.73
CA ASN A 143 -12.14 -6.29 0.80
C ASN A 143 -13.13 -5.95 -0.32
N HIS A 144 -13.10 -4.71 -0.78
CA HIS A 144 -13.97 -4.28 -1.86
C HIS A 144 -13.24 -4.45 -3.19
N ILE A 145 -13.34 -5.68 -3.67
CA ILE A 145 -12.45 -6.18 -4.73
C ILE A 145 -12.47 -5.32 -5.99
N ASP A 146 -13.69 -5.08 -6.46
CA ASP A 146 -13.95 -4.29 -7.65
C ASP A 146 -13.46 -2.86 -7.58
N VAL A 147 -13.43 -2.31 -6.38
CA VAL A 147 -12.96 -0.97 -6.22
C VAL A 147 -11.42 -1.04 -6.27
N VAL A 148 -10.84 -1.97 -5.53
CA VAL A 148 -9.41 -2.27 -5.65
C VAL A 148 -8.97 -2.37 -7.12
N LYS A 149 -9.50 -3.33 -7.86
CA LYS A 149 -9.12 -3.50 -9.26
C LYS A 149 -9.26 -2.17 -10.00
N TYR A 150 -10.38 -1.51 -9.78
CA TYR A 150 -10.63 -0.29 -10.51
C TYR A 150 -9.60 0.75 -10.20
N LEU A 151 -9.22 0.85 -8.93
CA LEU A 151 -8.28 1.87 -8.51
C LEU A 151 -6.89 1.60 -9.11
N LEU A 152 -6.46 0.33 -9.04
CA LEU A 152 -5.20 -0.09 -9.60
C LEU A 152 -5.16 0.26 -11.08
N GLU A 153 -6.18 -0.15 -11.82
CA GLU A 153 -6.24 0.15 -13.25
C GLU A 153 -6.21 1.63 -13.55
N ASN A 154 -6.37 2.45 -12.53
CA ASN A 154 -6.45 3.89 -12.82
C ASN A 154 -5.34 4.70 -12.18
N GLY A 155 -4.25 4.02 -11.87
CA GLY A 155 -3.02 4.66 -11.46
C GLY A 155 -2.71 4.64 -9.99
N ALA A 156 -3.64 4.15 -9.18
CA ALA A 156 -3.43 4.17 -7.73
C ALA A 156 -2.18 3.39 -7.36
N ASN A 157 -1.41 3.99 -6.48
CA ASN A 157 -0.12 3.47 -6.11
C ASN A 157 -0.15 2.66 -4.81
N GLN A 158 0.10 1.37 -4.95
CA GLN A 158 0.13 0.44 -3.85
C GLN A 158 1.16 0.73 -2.77
N SER A 159 2.05 1.67 -3.05
CA SER A 159 3.23 1.77 -2.23
C SER A 159 3.20 3.06 -1.40
N THR A 160 2.15 3.84 -1.62
CA THR A 160 1.90 5.03 -0.84
C THR A 160 1.41 4.52 0.53
N ALA A 161 2.12 4.92 1.58
CA ALA A 161 2.11 4.20 2.84
C ALA A 161 1.73 5.12 4.03
N THR A 162 1.14 4.55 5.07
CA THR A 162 0.91 5.36 6.28
C THR A 162 2.31 5.80 6.73
N GLU A 163 2.41 6.74 7.66
CA GLU A 163 3.74 7.22 8.03
C GLU A 163 4.66 6.15 8.65
N ASP A 164 4.10 5.06 9.15
CA ASP A 164 4.86 3.91 9.67
C ASP A 164 5.04 2.76 8.65
N GLY A 165 4.94 3.06 7.35
CA GLY A 165 5.10 2.07 6.32
C GLY A 165 3.93 1.13 6.13
N PHE A 166 2.72 1.49 6.58
CA PHE A 166 1.60 0.60 6.31
C PHE A 166 1.01 0.76 4.92
N THR A 167 0.83 -0.38 4.27
CA THR A 167 0.39 -0.47 2.90
C THR A 167 -0.90 -1.28 2.79
N PRO A 168 -1.61 -1.11 1.65
CA PRO A 168 -2.78 -1.92 1.30
C PRO A 168 -2.52 -3.40 1.41
N LEU A 169 -1.36 -3.86 1.02
CA LEU A 169 -1.14 -5.29 1.06
C LEU A 169 -1.14 -5.71 2.53
N ALA A 170 -0.52 -4.89 3.36
CA ALA A 170 -0.38 -5.21 4.76
C ALA A 170 -1.75 -5.29 5.46
N VAL A 171 -2.64 -4.36 5.10
CA VAL A 171 -3.94 -4.35 5.75
C VAL A 171 -4.77 -5.50 5.21
N ALA A 172 -4.65 -5.76 3.91
CA ALA A 172 -5.40 -6.90 3.36
C ALA A 172 -4.93 -8.18 4.07
N LEU A 173 -3.63 -8.24 4.39
CA LEU A 173 -3.09 -9.44 5.03
C LEU A 173 -3.65 -9.61 6.43
N GLN A 174 -3.55 -8.55 7.23
CA GLN A 174 -4.08 -8.54 8.57
C GLN A 174 -5.57 -8.95 8.60
N GLN A 175 -6.35 -8.43 7.66
CA GLN A 175 -7.79 -8.67 7.66
C GLN A 175 -8.21 -9.97 7.04
N GLY A 176 -7.27 -10.78 6.59
CA GLY A 176 -7.59 -12.15 6.16
C GLY A 176 -8.24 -12.22 4.80
N HIS A 177 -8.10 -11.14 4.03
CA HIS A 177 -8.73 -11.02 2.68
C HIS A 177 -7.92 -11.67 1.51
N ASN A 178 -8.15 -12.96 1.25
CA ASN A 178 -7.35 -13.65 0.24
C ASN A 178 -7.33 -13.02 -1.13
N GLN A 179 -8.51 -12.62 -1.57
CA GLN A 179 -8.64 -12.07 -2.92
C GLN A 179 -7.91 -10.75 -3.08
N ALA A 180 -8.21 -9.81 -2.18
CA ALA A 180 -7.52 -8.53 -2.10
C ALA A 180 -6.01 -8.73 -2.17
N VAL A 181 -5.50 -9.67 -1.36
CA VAL A 181 -4.08 -9.92 -1.30
C VAL A 181 -3.60 -10.35 -2.67
N ALA A 182 -4.36 -11.26 -3.29
CA ALA A 182 -4.04 -11.77 -4.65
C ALA A 182 -3.91 -10.64 -5.67
N ILE A 183 -4.97 -9.88 -5.82
CA ILE A 183 -4.97 -8.75 -6.72
C ILE A 183 -3.83 -7.80 -6.42
N LEU A 184 -3.47 -7.67 -5.16
CA LEU A 184 -2.46 -6.69 -4.85
C LEU A 184 -1.10 -7.21 -5.23
N LEU A 185 -0.86 -8.47 -4.90
CA LEU A 185 0.37 -9.15 -5.26
C LEU A 185 0.55 -9.28 -6.79
N GLU A 186 -0.55 -9.49 -7.49
CA GLU A 186 -0.50 -9.77 -8.91
C GLU A 186 -0.50 -8.52 -9.73
N ASN A 187 -0.38 -7.37 -9.09
CA ASN A 187 -0.52 -6.19 -9.91
C ASN A 187 0.76 -5.74 -10.65
N ASP A 188 0.55 -5.22 -11.86
CA ASP A 188 1.64 -4.88 -12.79
C ASP A 188 2.69 -6.00 -12.95
N THR A 189 2.25 -7.18 -13.35
CA THR A 189 3.19 -8.23 -13.76
C THR A 189 2.58 -8.99 -14.94
N LYS A 190 3.27 -8.97 -16.08
CA LYS A 190 2.77 -9.64 -17.26
C LYS A 190 3.94 -10.33 -17.96
N ARG A 194 6.43 -15.22 -11.71
CA ARG A 194 5.43 -15.22 -10.64
C ARG A 194 6.01 -15.62 -9.26
N LEU A 195 6.38 -14.64 -8.45
CA LEU A 195 7.07 -14.90 -7.19
C LEU A 195 6.14 -15.08 -6.01
N PRO A 196 6.58 -15.85 -5.01
CA PRO A 196 5.97 -15.98 -3.68
C PRO A 196 5.84 -14.61 -2.96
N ALA A 197 4.87 -14.51 -2.05
CA ALA A 197 4.49 -13.21 -1.51
C ALA A 197 5.63 -12.51 -0.76
N LEU A 198 6.35 -13.29 0.03
CA LEU A 198 7.41 -12.74 0.82
C LEU A 198 8.44 -12.13 -0.13
N HIS A 199 8.72 -12.86 -1.20
CA HIS A 199 9.62 -12.35 -2.23
C HIS A 199 9.17 -11.02 -2.80
N ILE A 200 7.87 -10.92 -3.09
CA ILE A 200 7.31 -9.73 -3.68
C ILE A 200 7.40 -8.58 -2.65
N ALA A 201 7.10 -8.90 -1.40
CA ALA A 201 7.27 -7.93 -0.30
C ALA A 201 8.74 -7.45 -0.18
N ALA A 202 9.67 -8.39 -0.33
CA ALA A 202 11.08 -8.02 -0.44
C ALA A 202 11.33 -7.07 -1.62
N ARG A 203 10.74 -7.34 -2.79
CA ARG A 203 11.00 -6.50 -3.95
C ARG A 203 10.51 -5.12 -3.66
N LYS A 204 9.31 -5.04 -3.12
CA LYS A 204 8.64 -3.77 -2.86
C LYS A 204 9.22 -3.07 -1.64
N ASP A 205 10.00 -3.80 -0.84
CA ASP A 205 10.57 -3.29 0.40
C ASP A 205 9.44 -2.98 1.39
N ASP A 206 8.51 -3.95 1.51
CA ASP A 206 7.34 -3.82 2.37
C ASP A 206 7.60 -4.58 3.68
N THR A 207 8.19 -3.87 4.62
CA THR A 207 8.65 -4.50 5.86
C THR A 207 7.44 -5.01 6.64
N LYS A 208 6.37 -4.22 6.63
CA LYS A 208 5.20 -4.54 7.42
C LYS A 208 4.61 -5.82 6.89
N SER A 209 4.40 -5.85 5.59
CA SER A 209 3.82 -7.05 5.00
C SER A 209 4.73 -8.25 5.22
N ALA A 210 6.04 -8.02 5.16
CA ALA A 210 7.00 -9.08 5.40
C ALA A 210 6.85 -9.65 6.81
N ALA A 211 6.96 -8.76 7.79
CA ALA A 211 6.68 -9.02 9.19
C ALA A 211 5.39 -9.82 9.39
N LEU A 212 4.32 -9.42 8.71
CA LEU A 212 3.05 -10.13 8.84
C LEU A 212 3.13 -11.56 8.33
N LEU A 213 3.71 -11.71 7.15
CA LEU A 213 3.89 -13.01 6.52
C LEU A 213 4.69 -13.97 7.42
N LEU A 214 5.71 -13.41 8.09
CA LEU A 214 6.68 -14.17 8.87
C LEU A 214 6.24 -14.43 10.32
N GLN A 215 5.01 -14.07 10.64
CA GLN A 215 4.60 -14.11 12.05
C GLN A 215 4.48 -15.49 12.70
N ASN A 216 4.53 -16.56 11.89
CA ASN A 216 4.43 -17.93 12.41
C ASN A 216 5.59 -18.92 12.21
N ASP A 217 6.76 -18.48 11.73
CA ASP A 217 7.86 -19.43 11.92
C ASP A 217 8.90 -18.90 12.88
N HIS A 218 8.90 -19.43 14.09
CA HIS A 218 10.06 -19.24 14.94
C HIS A 218 10.77 -20.54 15.28
N ASN A 219 11.95 -20.38 15.82
CA ASN A 219 12.90 -21.47 15.90
C ASN A 219 13.07 -21.98 17.34
N GLN A 223 17.26 -23.47 9.86
CA GLN A 223 17.25 -22.27 9.02
C GLN A 223 16.70 -22.63 7.66
N SER A 224 16.92 -23.89 7.33
CA SER A 224 16.86 -24.38 5.98
C SER A 224 15.43 -24.36 5.46
N LYS A 225 14.55 -24.99 6.22
CA LYS A 225 13.15 -25.05 5.84
C LYS A 225 12.29 -24.06 6.68
N MET A 226 12.89 -22.94 7.08
CA MET A 226 12.14 -21.77 7.53
C MET A 226 11.55 -21.00 6.34
N MET A 227 10.41 -20.39 6.58
CA MET A 227 9.75 -19.63 5.52
C MET A 227 10.61 -18.45 5.08
N VAL A 228 11.34 -17.83 5.99
CA VAL A 228 12.21 -16.72 5.59
C VAL A 228 13.30 -17.14 4.56
N ASN A 229 13.55 -18.44 4.43
CA ASN A 229 14.56 -18.92 3.50
C ASN A 229 13.95 -19.76 2.37
N ARG A 230 12.66 -19.62 2.11
CA ARG A 230 12.08 -20.27 0.94
C ARG A 230 12.62 -19.65 -0.31
N THR A 231 12.71 -20.47 -1.36
CA THR A 231 13.38 -20.10 -2.61
C THR A 231 12.38 -20.06 -3.77
N THR A 232 12.73 -19.30 -4.79
CA THR A 232 12.05 -19.41 -6.07
C THR A 232 12.63 -20.60 -6.89
N GLU A 233 12.10 -20.77 -8.10
CA GLU A 233 12.58 -21.80 -9.01
C GLU A 233 14.11 -21.78 -9.10
N SER A 234 14.67 -20.60 -9.32
CA SER A 234 16.12 -20.47 -9.52
C SER A 234 16.89 -20.38 -8.20
N GLY A 235 16.24 -20.76 -7.10
CA GLY A 235 16.87 -20.81 -5.80
C GLY A 235 17.15 -19.49 -5.10
N PHE A 236 16.49 -18.42 -5.51
CA PHE A 236 16.60 -17.16 -4.75
C PHE A 236 15.67 -17.08 -3.55
N THR A 237 16.19 -16.44 -2.51
CA THR A 237 15.45 -16.13 -1.28
C THR A 237 14.92 -14.71 -1.33
N PRO A 238 14.03 -14.38 -0.41
CA PRO A 238 13.56 -12.99 -0.24
C PRO A 238 14.80 -12.08 -0.06
N LEU A 239 15.76 -12.53 0.74
CA LEU A 239 17.04 -11.82 0.93
C LEU A 239 17.81 -11.51 -0.38
N HIS A 240 17.82 -12.47 -1.33
CA HIS A 240 18.45 -12.22 -2.65
C HIS A 240 17.72 -11.09 -3.39
N ILE A 241 16.41 -11.21 -3.48
CA ILE A 241 15.59 -10.16 -4.04
C ILE A 241 15.89 -8.82 -3.37
N ALA A 242 15.93 -8.84 -2.04
CA ALA A 242 16.18 -7.61 -1.29
C ALA A 242 17.50 -7.01 -1.74
N ALA A 243 18.50 -7.88 -1.89
CA ALA A 243 19.84 -7.50 -2.32
C ALA A 243 19.83 -6.96 -3.75
N HIS A 244 19.07 -7.63 -4.62
CA HIS A 244 18.97 -7.22 -6.01
C HIS A 244 18.46 -5.77 -6.13
N TYR A 245 17.32 -5.50 -5.51
CA TYR A 245 16.70 -4.19 -5.54
C TYR A 245 17.26 -3.16 -4.54
N GLY A 246 18.22 -3.56 -3.71
CA GLY A 246 18.85 -2.61 -2.80
C GLY A 246 17.94 -2.16 -1.66
N ASN A 247 17.07 -3.04 -1.17
CA ASN A 247 16.11 -2.72 -0.08
C ASN A 247 16.62 -3.05 1.31
N VAL A 248 17.33 -2.10 1.90
CA VAL A 248 18.00 -2.36 3.16
C VAL A 248 17.04 -2.68 4.33
N ASN A 249 15.93 -1.95 4.39
CA ASN A 249 15.01 -2.13 5.49
C ASN A 249 14.46 -3.53 5.52
N VAL A 250 13.97 -4.00 4.37
CA VAL A 250 13.34 -5.30 4.40
C VAL A 250 14.43 -6.36 4.59
N ALA A 251 15.59 -6.12 4.01
CA ALA A 251 16.72 -7.01 4.25
C ALA A 251 17.04 -7.13 5.72
N THR A 252 17.07 -6.01 6.42
CA THR A 252 17.40 -6.02 7.86
C THR A 252 16.43 -6.89 8.69
N LEU A 253 15.15 -6.72 8.37
CA LEU A 253 14.08 -7.51 8.96
C LEU A 253 14.26 -9.03 8.75
N LEU A 254 14.46 -9.43 7.48
CA LEU A 254 14.72 -10.84 7.14
C LEU A 254 15.92 -11.41 7.88
N LEU A 255 16.96 -10.62 7.93
CA LEU A 255 18.17 -11.04 8.59
C LEU A 255 17.91 -11.16 10.09
N ASN A 256 17.11 -10.22 10.64
CA ASN A 256 16.69 -10.33 12.05
C ASN A 256 15.82 -11.53 12.32
N ARG A 257 15.05 -11.94 11.32
CA ARG A 257 14.19 -13.11 11.45
C ARG A 257 14.79 -14.44 11.01
N GLY A 258 16.09 -14.47 10.72
CA GLY A 258 16.77 -15.73 10.48
C GLY A 258 17.13 -16.04 8.98
N ALA A 259 17.04 -15.07 8.07
CA ALA A 259 17.51 -15.26 6.69
C ALA A 259 18.97 -15.69 6.73
N ALA A 260 19.31 -16.78 6.03
CA ALA A 260 20.70 -17.18 5.84
C ALA A 260 21.44 -16.14 4.95
N VAL A 261 22.40 -15.44 5.52
CA VAL A 261 23.13 -14.37 4.88
C VAL A 261 23.95 -14.85 3.68
N ASP A 262 24.40 -16.10 3.71
CA ASP A 262 25.22 -16.66 2.64
C ASP A 262 24.50 -17.70 1.81
N PHE A 263 23.20 -17.73 1.92
CA PHE A 263 22.42 -18.65 1.11
C PHE A 263 22.76 -18.61 -0.40
N THR A 264 23.10 -19.78 -0.96
CA THR A 264 23.46 -19.90 -2.39
C THR A 264 22.25 -20.24 -3.24
N ALA A 265 22.03 -19.43 -4.27
CA ALA A 265 21.11 -19.79 -5.33
C ALA A 265 21.85 -20.64 -6.36
N ARG A 266 21.13 -21.03 -7.42
CA ARG A 266 21.71 -21.61 -8.65
C ARG A 266 23.09 -21.04 -8.89
N ASN A 267 24.08 -21.92 -9.07
CA ASN A 267 25.45 -21.48 -9.35
C ASN A 267 26.22 -20.88 -8.16
N GLY A 268 25.88 -21.33 -6.94
CA GLY A 268 26.50 -20.82 -5.72
C GLY A 268 26.45 -19.30 -5.53
N ILE A 269 25.41 -18.68 -6.10
CA ILE A 269 25.23 -17.24 -6.01
C ILE A 269 24.72 -16.83 -4.61
N THR A 270 25.47 -15.98 -3.89
CA THR A 270 25.10 -15.42 -2.60
C THR A 270 24.50 -14.06 -2.73
N PRO A 271 23.71 -13.67 -1.72
CA PRO A 271 23.13 -12.34 -1.64
C PRO A 271 24.21 -11.27 -1.81
N LEU A 272 25.36 -11.48 -1.19
CA LEU A 272 26.50 -10.61 -1.43
C LEU A 272 26.91 -10.57 -2.95
N HIS A 273 26.95 -11.71 -3.65
CA HIS A 273 27.17 -11.67 -5.10
C HIS A 273 26.16 -10.76 -5.75
N VAL A 274 24.88 -11.00 -5.46
CA VAL A 274 23.83 -10.21 -6.07
C VAL A 274 23.98 -8.71 -5.85
N ALA A 275 24.13 -8.30 -4.60
CA ALA A 275 24.29 -6.88 -4.30
C ALA A 275 25.57 -6.27 -4.94
N SER A 276 26.63 -7.06 -5.02
CA SER A 276 27.91 -6.56 -5.56
C SER A 276 27.81 -6.37 -7.07
N LYS A 277 27.14 -7.31 -7.72
CA LYS A 277 26.89 -7.25 -9.13
C LYS A 277 25.99 -6.06 -9.51
N ARG A 278 25.17 -5.60 -8.58
CA ARG A 278 24.23 -4.52 -8.87
C ARG A 278 24.73 -3.22 -8.26
N GLY A 279 25.93 -3.25 -7.71
CA GLY A 279 26.49 -2.05 -7.09
C GLY A 279 25.61 -1.46 -5.98
N ASN A 280 24.94 -2.33 -5.20
CA ASN A 280 24.13 -1.86 -4.06
C ASN A 280 24.95 -1.77 -2.76
N THR A 281 25.58 -0.61 -2.58
CA THR A 281 26.58 -0.41 -1.56
C THR A 281 26.11 -0.72 -0.15
N ASN A 282 25.00 -0.07 0.26
CA ASN A 282 24.45 -0.28 1.60
C ASN A 282 23.99 -1.72 1.85
N MET A 283 23.49 -2.39 0.81
CA MET A 283 23.21 -3.83 0.92
C MET A 283 24.46 -4.65 1.27
N VAL A 284 25.55 -4.32 0.56
CA VAL A 284 26.83 -4.95 0.75
C VAL A 284 27.28 -4.70 2.17
N LYS A 285 27.27 -3.44 2.57
CA LYS A 285 27.55 -3.10 3.95
C LYS A 285 26.75 -3.97 4.91
N LEU A 286 25.43 -4.00 4.73
CA LEU A 286 24.58 -4.72 5.66
C LEU A 286 24.99 -6.19 5.68
N LEU A 287 25.23 -6.73 4.48
CA LEU A 287 25.53 -8.17 4.40
C LEU A 287 26.87 -8.50 5.02
N LEU A 288 27.86 -7.67 4.79
CA LEU A 288 29.11 -7.83 5.49
C LEU A 288 28.93 -7.79 7.00
N ASP A 289 28.19 -6.81 7.51
CA ASP A 289 27.98 -6.66 8.97
C ASP A 289 27.32 -7.88 9.63
N ARG A 290 26.43 -8.50 8.89
CA ARG A 290 25.76 -9.69 9.31
C ARG A 290 26.62 -10.97 9.17
N GLY A 291 27.88 -10.82 8.77
CA GLY A 291 28.82 -11.93 8.56
C GLY A 291 28.87 -12.61 7.17
N GLY A 292 28.37 -11.98 6.12
CA GLY A 292 28.43 -12.59 4.79
C GLY A 292 29.86 -12.83 4.32
N GLN A 293 30.12 -14.00 3.71
CA GLN A 293 31.47 -14.36 3.24
C GLN A 293 31.99 -13.48 2.07
N ILE A 294 33.03 -12.71 2.35
CA ILE A 294 33.64 -11.78 1.39
C ILE A 294 34.16 -12.46 0.13
N ASP A 295 34.68 -13.67 0.30
CA ASP A 295 35.34 -14.42 -0.73
C ASP A 295 34.55 -15.62 -1.27
N ALA A 296 33.26 -15.73 -1.04
CA ALA A 296 32.61 -16.91 -1.63
C ALA A 296 32.67 -16.86 -3.18
N LYS A 297 32.58 -18.01 -3.81
CA LYS A 297 32.69 -18.07 -5.24
C LYS A 297 31.51 -18.78 -5.86
N THR A 298 31.02 -18.18 -6.95
CA THR A 298 30.06 -18.84 -7.82
C THR A 298 30.67 -20.12 -8.42
N ARG A 299 29.82 -20.94 -9.07
CA ARG A 299 30.21 -22.21 -9.67
C ARG A 299 31.34 -21.93 -10.68
N ASP A 300 31.42 -20.70 -11.15
CA ASP A 300 32.52 -20.37 -12.05
C ASP A 300 33.54 -19.37 -11.49
N GLY A 301 33.82 -19.48 -10.19
CA GLY A 301 34.99 -18.84 -9.59
C GLY A 301 34.91 -17.36 -9.29
N LEU A 302 33.77 -16.73 -9.54
CA LEU A 302 33.62 -15.31 -9.19
C LEU A 302 33.47 -15.03 -7.66
N THR A 303 34.13 -13.96 -7.21
CA THR A 303 33.92 -13.43 -5.90
C THR A 303 33.05 -12.18 -5.99
N PRO A 304 32.43 -11.81 -4.88
CA PRO A 304 31.70 -10.53 -4.89
C PRO A 304 32.57 -9.41 -5.51
N LEU A 305 33.84 -9.33 -5.12
CA LEU A 305 34.75 -8.37 -5.75
C LEU A 305 34.77 -8.49 -7.26
N HIS A 306 34.82 -9.71 -7.78
CA HIS A 306 34.90 -9.83 -9.24
C HIS A 306 33.61 -9.38 -9.88
N CYS A 307 32.50 -9.73 -9.24
CA CYS A 307 31.18 -9.46 -9.78
C CYS A 307 30.95 -7.99 -9.93
N ALA A 308 31.38 -7.24 -8.93
CA ALA A 308 31.26 -5.80 -8.97
C ALA A 308 32.15 -5.22 -10.09
N ALA A 309 33.39 -5.70 -10.17
CA ALA A 309 34.30 -5.23 -11.22
C ALA A 309 33.78 -5.44 -12.65
N ARG A 310 33.38 -6.67 -12.95
CA ARG A 310 32.73 -6.97 -14.21
C ARG A 310 31.54 -6.06 -14.52
N SER A 311 31.19 -5.17 -13.59
CA SER A 311 29.99 -4.36 -13.74
C SER A 311 30.25 -2.88 -13.50
N GLY A 312 31.50 -2.54 -13.20
CA GLY A 312 31.95 -1.15 -13.22
C GLY A 312 31.53 -0.46 -11.95
N HIS A 313 30.94 -1.25 -11.09
CA HIS A 313 30.59 -0.72 -9.81
C HIS A 313 31.91 -0.63 -9.03
N ASP A 314 32.55 0.52 -9.12
CA ASP A 314 33.79 0.76 -8.40
C ASP A 314 33.53 1.10 -6.94
N GLN A 315 32.48 1.88 -6.69
CA GLN A 315 32.12 2.22 -5.34
C GLN A 315 32.30 0.98 -4.47
N VAL A 316 31.74 -0.12 -4.96
CA VAL A 316 31.78 -1.39 -4.23
C VAL A 316 33.21 -1.92 -4.13
N VAL A 317 33.83 -2.17 -5.29
CA VAL A 317 35.23 -2.61 -5.34
C VAL A 317 36.02 -1.92 -4.22
N GLU A 318 36.09 -0.59 -4.26
CA GLU A 318 36.79 0.14 -3.21
C GLU A 318 36.46 -0.41 -1.83
N LEU A 319 35.24 -0.13 -1.38
CA LEU A 319 34.70 -0.73 -0.18
C LEU A 319 35.14 -2.19 -0.03
N LEU A 320 34.93 -2.99 -1.06
CA LEU A 320 35.27 -4.42 -0.96
C LEU A 320 36.76 -4.68 -0.77
N LYS A 321 37.60 -3.90 -1.47
CA LYS A 321 39.05 -3.99 -1.30
C LYS A 321 39.45 -3.61 0.12
N VAL A 322 38.92 -2.49 0.62
CA VAL A 322 39.27 -2.02 1.95
C VAL A 322 39.17 -3.19 2.95
N VAL A 323 37.99 -3.80 3.00
CA VAL A 323 37.74 -4.92 3.91
C VAL A 323 38.85 -5.98 3.91
N THR A 324 39.29 -6.37 2.71
CA THR A 324 40.39 -7.34 2.58
C THR A 324 41.77 -6.77 2.93
#